data_8DGO
#
_entry.id   8DGO
#
_cell.length_a   89.310
_cell.length_b   89.310
_cell.length_c   94.830
_cell.angle_alpha   90.000
_cell.angle_beta   90.000
_cell.angle_gamma   90.000
#
_symmetry.space_group_name_H-M   'P 43'
#
loop_
_entity.id
_entity.type
_entity.pdbx_description
1 polymer 'Growth factor receptor bound protein 2'
2 polymer 'Phosphorylated PEAK3 (pY24) peptide'
3 water water
#
loop_
_entity_poly.entity_id
_entity_poly.type
_entity_poly.pdbx_seq_one_letter_code
_entity_poly.pdbx_strand_id
1 'polypeptide(L)'
;GSMEAIAKYDFKATADDELSFKRGDILKVLNEECDQNWYKAELNGKDGFIPKNYIEMKPHPWFFGKIPRAKAEEMLSKQR
HDGAFLIRESESAPGDFSLSVKFGNDVQHFKVLRDGAGKYFLWVVKFNSLNELVDYHRSTSVSRNQQIFLRDIEQVPQQP
TYVQALFDFDPQEDGELGFRRGDFIHVMDNSDPNWWKGACHGQTGMFPRNYVTPVNRNV
;
A,B
2 'polypeptide(L)' (THC)(PTR)SNLGQ C
#
# COMPACT_ATOMS: atom_id res chain seq x y z
N GLY A 1 -1.03 12.58 -16.96
CA GLY A 1 -1.44 13.97 -17.00
C GLY A 1 -1.84 14.60 -15.67
N SER A 2 -3.10 15.04 -15.59
CA SER A 2 -3.61 15.76 -14.43
C SER A 2 -3.99 14.81 -13.30
N MET A 3 -3.71 15.24 -12.06
CA MET A 3 -3.81 14.39 -10.89
C MET A 3 -4.02 15.22 -9.63
N GLU A 4 -4.67 14.62 -8.63
CA GLU A 4 -4.70 15.18 -7.29
C GLU A 4 -3.65 14.52 -6.41
N ALA A 5 -3.00 15.30 -5.58
CA ALA A 5 -2.02 14.79 -4.65
C ALA A 5 -2.20 15.50 -3.31
N ILE A 6 -1.53 15.00 -2.28
CA ILE A 6 -1.68 15.53 -0.94
C ILE A 6 -0.31 16.07 -0.51
N ALA A 7 -0.34 17.20 0.19
CA ALA A 7 0.87 17.85 0.64
C ALA A 7 1.43 17.15 1.88
N LYS A 8 2.73 16.80 1.83
CA LYS A 8 3.37 16.23 3.01
C LYS A 8 3.82 17.27 4.01
N TYR A 9 4.05 18.51 3.57
CA TYR A 9 4.58 19.56 4.42
C TYR A 9 3.95 20.92 4.09
N ASP A 10 3.97 21.82 5.06
CA ASP A 10 3.69 23.23 4.79
C ASP A 10 4.69 23.76 3.77
N PHE A 11 4.23 24.64 2.89
CA PHE A 11 5.14 25.30 1.97
C PHE A 11 4.76 26.76 1.80
N LYS A 12 5.67 27.67 2.16
CA LYS A 12 5.53 29.08 1.83
C LYS A 12 6.14 29.34 0.47
N ALA A 13 5.41 30.03 -0.40
CA ALA A 13 5.95 30.36 -1.71
C ALA A 13 7.21 31.23 -1.56
N THR A 14 8.23 30.92 -2.37
CA THR A 14 9.45 31.72 -2.37
C THR A 14 9.49 32.79 -3.46
N ALA A 15 8.64 32.68 -4.47
CA ALA A 15 8.53 33.67 -5.52
C ALA A 15 7.06 33.82 -5.88
N ASP A 16 6.75 34.87 -6.63
CA ASP A 16 5.36 35.19 -6.91
C ASP A 16 4.72 34.20 -7.86
N ASP A 17 5.50 33.42 -8.60
CA ASP A 17 4.98 32.39 -9.48
C ASP A 17 4.83 31.03 -8.80
N GLU A 18 5.06 30.95 -7.48
CA GLU A 18 4.91 29.71 -6.74
C GLU A 18 3.66 29.76 -5.86
N LEU A 19 3.17 28.58 -5.51
CA LEU A 19 1.90 28.40 -4.82
C LEU A 19 2.15 27.93 -3.39
N SER A 20 1.67 28.69 -2.42
CA SER A 20 1.76 28.31 -1.00
C SER A 20 0.70 27.27 -0.66
N PHE A 21 1.00 26.39 0.29
CA PHE A 21 0.03 25.40 0.74
C PHE A 21 0.44 24.83 2.10
N LYS A 22 -0.50 24.14 2.74
CA LYS A 22 -0.30 23.59 4.07
C LYS A 22 -0.36 22.07 3.99
N ARG A 23 0.32 21.40 4.90
CA ARG A 23 0.35 19.94 4.91
C ARG A 23 -1.06 19.38 4.98
N GLY A 24 -1.33 18.32 4.21
CA GLY A 24 -2.64 17.71 4.14
C GLY A 24 -3.58 18.32 3.13
N ASP A 25 -3.22 19.44 2.50
CA ASP A 25 -4.03 19.98 1.41
C ASP A 25 -3.98 19.06 0.19
N ILE A 26 -5.11 18.92 -0.48
CA ILE A 26 -5.20 18.23 -1.76
C ILE A 26 -5.02 19.25 -2.88
N LEU A 27 -3.95 19.08 -3.67
CA LEU A 27 -3.65 19.97 -4.77
C LEU A 27 -3.98 19.30 -6.10
N LYS A 28 -4.49 20.08 -7.04
CA LYS A 28 -4.64 19.60 -8.41
C LYS A 28 -3.36 19.91 -9.15
N VAL A 29 -2.68 18.85 -9.61
CA VAL A 29 -1.39 18.97 -10.30
C VAL A 29 -1.62 18.85 -11.80
N LEU A 30 -0.92 19.70 -12.57
CA LEU A 30 -1.13 19.78 -14.01
C LEU A 30 -0.12 18.92 -14.76
N ASN A 31 -0.55 18.44 -15.94
CA ASN A 31 0.32 17.68 -16.85
C ASN A 31 1.49 18.52 -17.35
N GLU A 32 1.32 19.84 -17.49
CA GLU A 32 2.43 20.73 -17.84
C GLU A 32 3.35 20.88 -16.63
N GLU A 33 4.24 19.92 -16.48
CA GLU A 33 5.34 20.07 -15.54
C GLU A 33 6.37 20.99 -16.19
N CYS A 34 6.66 22.11 -15.52
CA CYS A 34 7.40 23.18 -16.15
C CYS A 34 8.78 23.39 -15.55
N ASP A 35 9.33 22.39 -14.87
CA ASP A 35 10.70 22.44 -14.39
C ASP A 35 11.06 21.07 -13.89
N GLN A 36 12.38 20.83 -13.76
CA GLN A 36 12.87 19.54 -13.28
C GLN A 36 12.27 19.17 -11.92
N ASN A 37 12.28 20.10 -10.96
CA ASN A 37 11.87 19.76 -9.61
C ASN A 37 10.51 20.33 -9.22
N TRP A 38 9.72 20.80 -10.18
CA TRP A 38 8.51 21.54 -9.86
C TRP A 38 7.35 21.14 -10.76
N TYR A 39 6.16 21.04 -10.16
CA TYR A 39 4.90 20.88 -10.85
C TYR A 39 4.16 22.20 -10.87
N LYS A 40 3.27 22.37 -11.85
CA LYS A 40 2.29 23.43 -11.78
C LYS A 40 1.02 22.85 -11.15
N ALA A 41 0.39 23.61 -10.26
CA ALA A 41 -0.68 23.11 -9.41
C ALA A 41 -1.70 24.21 -9.12
N GLU A 42 -2.91 23.79 -8.73
CA GLU A 42 -3.99 24.69 -8.31
C GLU A 42 -4.46 24.29 -6.92
N LEU A 43 -4.91 25.28 -6.16
CA LEU A 43 -5.45 25.01 -4.84
C LEU A 43 -6.36 26.16 -4.47
N ASN A 44 -7.66 25.88 -4.37
CA ASN A 44 -8.66 26.85 -3.91
C ASN A 44 -8.62 28.15 -4.71
N GLY A 45 -8.57 28.04 -6.03
CA GLY A 45 -8.56 29.22 -6.88
C GLY A 45 -7.22 29.92 -7.02
N LYS A 46 -6.18 29.46 -6.31
CA LYS A 46 -4.81 29.92 -6.50
C LYS A 46 -4.05 28.89 -7.32
N ASP A 47 -3.02 29.36 -8.04
CA ASP A 47 -2.19 28.46 -8.83
C ASP A 47 -0.76 28.97 -8.79
N GLY A 48 0.17 28.07 -9.09
CA GLY A 48 1.58 28.39 -9.13
C GLY A 48 2.39 27.11 -9.18
N PHE A 49 3.72 27.28 -9.16
CA PHE A 49 4.56 26.09 -9.09
C PHE A 49 4.71 25.62 -7.64
N ILE A 50 4.87 24.31 -7.49
CA ILE A 50 5.01 23.61 -6.21
C ILE A 50 6.18 22.63 -6.35
N PRO A 51 6.88 22.32 -5.26
CA PRO A 51 8.01 21.38 -5.34
C PRO A 51 7.52 19.93 -5.40
N LYS A 52 8.09 19.17 -6.35
CA LYS A 52 7.66 17.78 -6.52
C LYS A 52 7.79 16.98 -5.24
N ASN A 53 8.86 17.21 -4.47
CA ASN A 53 9.16 16.34 -3.35
C ASN A 53 8.41 16.73 -2.07
N TYR A 54 7.45 17.65 -2.17
CA TYR A 54 6.53 18.05 -1.11
C TYR A 54 5.17 17.35 -1.20
N ILE A 55 4.92 16.55 -2.23
CA ILE A 55 3.59 15.99 -2.42
C ILE A 55 3.66 14.48 -2.53
N GLU A 56 2.59 13.85 -2.07
CA GLU A 56 2.45 12.42 -1.99
C GLU A 56 1.19 12.01 -2.75
N MET A 57 1.13 10.75 -3.14
CA MET A 57 -0.07 10.20 -3.74
C MET A 57 -1.26 10.39 -2.79
N LYS A 58 -2.41 10.68 -3.35
CA LYS A 58 -3.61 10.88 -2.55
C LYS A 58 -4.09 9.58 -1.91
N PRO A 59 -4.28 9.54 -0.58
CA PRO A 59 -4.88 8.36 0.06
C PRO A 59 -6.39 8.26 -0.22
N HIS A 60 -6.94 7.06 -0.07
CA HIS A 60 -8.40 6.95 -0.21
C HIS A 60 -9.07 7.77 0.89
N PRO A 61 -10.05 8.64 0.56
CA PRO A 61 -10.53 9.61 1.56
C PRO A 61 -11.43 9.01 2.64
N TRP A 62 -12.09 7.87 2.41
CA TRP A 62 -13.00 7.38 3.46
C TRP A 62 -13.11 5.87 3.65
N PHE A 63 -12.53 5.03 2.77
CA PHE A 63 -12.55 3.59 3.02
C PHE A 63 -11.31 3.18 3.82
N PHE A 64 -11.51 2.64 5.03
CA PHE A 64 -10.40 2.42 5.96
C PHE A 64 -10.18 0.94 6.31
N GLY A 65 -10.56 0.03 5.42
CA GLY A 65 -10.07 -1.32 5.59
C GLY A 65 -10.72 -1.99 6.79
N LYS A 66 -9.92 -2.76 7.52
CA LYS A 66 -10.40 -3.47 8.70
C LYS A 66 -9.95 -2.78 10.00
N ILE A 67 -9.96 -1.46 10.00
CA ILE A 67 -9.70 -0.66 11.20
C ILE A 67 -10.67 -1.09 12.30
N PRO A 68 -10.21 -1.40 13.52
CA PRO A 68 -11.12 -1.86 14.58
C PRO A 68 -12.15 -0.81 14.95
N ARG A 69 -13.23 -1.26 15.59
CA ARG A 69 -14.28 -0.31 15.97
C ARG A 69 -13.74 0.76 16.92
N ALA A 70 -12.85 0.37 17.84
CA ALA A 70 -12.26 1.32 18.77
C ALA A 70 -11.39 2.35 18.06
N LYS A 71 -10.53 1.91 17.13
CA LYS A 71 -9.68 2.87 16.43
C LYS A 71 -10.51 3.82 15.58
N ALA A 72 -11.58 3.32 14.94
CA ALA A 72 -12.46 4.19 14.18
C ALA A 72 -13.03 5.28 15.07
N GLU A 73 -13.44 4.92 16.28
CA GLU A 73 -14.04 5.88 17.19
C GLU A 73 -13.02 6.95 17.57
N GLU A 74 -11.82 6.51 17.98
CA GLU A 74 -10.76 7.45 18.31
C GLU A 74 -10.47 8.39 17.14
N MET A 75 -10.35 7.84 15.94
CA MET A 75 -10.07 8.63 14.75
C MET A 75 -11.16 9.66 14.48
N LEU A 76 -12.42 9.28 14.71
CA LEU A 76 -13.53 10.15 14.36
C LEU A 76 -13.80 11.18 15.44
N SER A 77 -13.70 10.77 16.71
CA SER A 77 -14.06 11.69 17.79
C SER A 77 -13.09 12.85 17.88
N LYS A 78 -11.88 12.72 17.32
CA LYS A 78 -10.94 13.83 17.26
C LYS A 78 -11.21 14.79 16.10
N GLN A 79 -12.10 14.44 15.17
CA GLN A 79 -12.36 15.30 14.03
C GLN A 79 -13.13 16.54 14.46
N ARG A 80 -12.96 17.63 13.71
CA ARG A 80 -13.53 18.90 14.12
C ARG A 80 -15.01 19.01 13.78
N HIS A 81 -15.47 18.41 12.68
CA HIS A 81 -16.81 18.72 12.17
C HIS A 81 -17.70 17.48 12.16
N ASP A 82 -18.98 17.70 12.48
CA ASP A 82 -19.93 16.60 12.61
C ASP A 82 -20.29 16.02 11.25
N GLY A 83 -20.54 14.71 11.24
CA GLY A 83 -20.74 13.99 10.00
C GLY A 83 -19.47 13.46 9.39
N ALA A 84 -18.30 13.81 9.95
CA ALA A 84 -17.07 13.12 9.61
C ALA A 84 -17.29 11.63 9.73
N PHE A 85 -16.75 10.86 8.78
CA PHE A 85 -17.09 9.45 8.71
C PHE A 85 -15.98 8.64 8.06
N LEU A 86 -16.12 7.32 8.16
CA LEU A 86 -15.38 6.37 7.37
C LEU A 86 -16.25 5.14 7.23
N ILE A 87 -15.95 4.34 6.20
CA ILE A 87 -16.47 2.98 6.06
C ILE A 87 -15.35 2.04 6.46
N ARG A 88 -15.71 0.94 7.15
CA ARG A 88 -14.77 -0.09 7.52
C ARG A 88 -15.41 -1.45 7.28
N GLU A 89 -14.56 -2.44 7.05
CA GLU A 89 -14.98 -3.83 6.94
C GLU A 89 -14.77 -4.51 8.29
N SER A 90 -15.71 -5.37 8.68
CA SER A 90 -15.63 -6.05 9.96
C SER A 90 -14.45 -7.01 10.02
N GLU A 91 -13.78 -7.02 11.17
CA GLU A 91 -12.69 -7.96 11.42
C GLU A 91 -13.21 -9.37 11.71
N SER A 92 -14.42 -9.50 12.27
CA SER A 92 -14.92 -10.83 12.59
C SER A 92 -15.96 -11.37 11.60
N ALA A 93 -16.57 -10.55 10.75
CA ALA A 93 -17.49 -11.03 9.72
C ALA A 93 -16.98 -10.55 8.36
N PRO A 94 -16.15 -11.33 7.68
CA PRO A 94 -15.54 -10.86 6.43
C PRO A 94 -16.60 -10.54 5.38
N GLY A 95 -16.40 -9.43 4.69
CA GLY A 95 -17.32 -9.00 3.68
C GLY A 95 -18.39 -8.03 4.14
N ASP A 96 -18.59 -7.89 5.45
CA ASP A 96 -19.62 -7.00 6.02
C ASP A 96 -19.03 -5.63 6.37
N PHE A 97 -19.72 -4.58 6.00
CA PHE A 97 -19.22 -3.22 6.13
C PHE A 97 -20.05 -2.43 7.14
N SER A 98 -19.38 -1.52 7.86
CA SER A 98 -20.03 -0.60 8.78
C SER A 98 -19.65 0.84 8.43
N LEU A 99 -20.59 1.75 8.66
CA LEU A 99 -20.38 3.18 8.47
C LEU A 99 -20.31 3.81 9.86
N SER A 100 -19.18 4.44 10.18
CA SER A 100 -18.98 5.11 11.47
C SER A 100 -18.98 6.61 11.25
N VAL A 101 -19.72 7.36 12.08
CA VAL A 101 -19.98 8.78 11.88
C VAL A 101 -19.86 9.51 13.22
N LYS A 102 -19.27 10.71 13.19
CA LYS A 102 -19.17 11.56 14.38
C LYS A 102 -20.48 12.31 14.58
N PHE A 103 -21.15 12.02 15.71
CA PHE A 103 -22.38 12.69 16.19
C PHE A 103 -21.99 13.51 17.42
N GLY A 104 -21.48 14.72 17.20
CA GLY A 104 -21.08 15.54 18.32
C GLY A 104 -19.94 14.91 19.12
N ASN A 105 -20.22 14.50 20.35
CA ASN A 105 -19.24 13.86 21.21
C ASN A 105 -19.40 12.34 21.28
N ASP A 106 -20.32 11.77 20.50
CA ASP A 106 -20.47 10.34 20.35
C ASP A 106 -20.11 9.93 18.93
N VAL A 107 -19.67 8.69 18.76
CA VAL A 107 -19.49 8.09 17.44
C VAL A 107 -20.55 7.00 17.31
N GLN A 108 -21.18 6.94 16.15
CA GLN A 108 -22.27 6.02 15.90
C GLN A 108 -21.92 5.13 14.72
N HIS A 109 -22.27 3.84 14.81
CA HIS A 109 -21.89 2.85 13.80
C HIS A 109 -23.15 2.27 13.20
N PHE A 110 -23.21 2.22 11.87
CA PHE A 110 -24.35 1.69 11.15
C PHE A 110 -23.89 0.52 10.30
N LYS A 111 -24.53 -0.62 10.47
CA LYS A 111 -24.18 -1.79 9.68
C LYS A 111 -24.78 -1.66 8.30
N VAL A 112 -23.93 -1.65 7.27
CA VAL A 112 -24.41 -1.65 5.90
C VAL A 112 -24.76 -3.08 5.52
N LEU A 113 -25.95 -3.26 4.94
CA LEU A 113 -26.45 -4.55 4.53
C LEU A 113 -26.39 -4.68 3.01
N ARG A 114 -26.39 -5.92 2.55
CA ARG A 114 -26.34 -6.25 1.13
C ARG A 114 -27.48 -7.21 0.82
N ASP A 115 -28.32 -6.87 -0.17
CA ASP A 115 -29.42 -7.75 -0.53
C ASP A 115 -28.96 -8.85 -1.49
N GLY A 116 -29.89 -9.70 -1.89
CA GLY A 116 -29.53 -10.78 -2.80
C GLY A 116 -29.11 -10.33 -4.18
N ALA A 117 -29.30 -9.05 -4.50
CA ALA A 117 -28.96 -8.52 -5.83
C ALA A 117 -27.69 -7.70 -5.82
N GLY A 118 -26.92 -7.71 -4.72
CA GLY A 118 -25.70 -6.94 -4.65
C GLY A 118 -25.89 -5.46 -4.33
N LYS A 119 -27.11 -5.03 -4.06
CA LYS A 119 -27.34 -3.66 -3.63
C LYS A 119 -27.08 -3.49 -2.14
N TYR A 120 -26.44 -2.39 -1.79
CA TYR A 120 -26.20 -2.02 -0.40
C TYR A 120 -27.31 -1.09 0.08
N PHE A 121 -27.55 -1.11 1.39
CA PHE A 121 -28.60 -0.25 1.95
C PHE A 121 -28.45 -0.16 3.46
N LEU A 122 -28.96 0.95 3.99
CA LEU A 122 -29.09 1.11 5.42
C LEU A 122 -30.53 0.94 5.87
N TRP A 123 -31.49 1.62 5.23
CA TRP A 123 -32.87 1.51 5.69
C TRP A 123 -33.73 1.14 4.49
N VAL A 124 -34.08 2.12 3.70
CA VAL A 124 -35.04 1.94 2.63
C VAL A 124 -34.40 2.08 1.27
N VAL A 125 -33.49 3.02 1.11
CA VAL A 125 -32.88 3.33 -0.17
C VAL A 125 -31.74 2.36 -0.45
N LYS A 126 -31.72 1.83 -1.68
CA LYS A 126 -30.72 0.86 -2.11
C LYS A 126 -29.72 1.51 -3.06
N PHE A 127 -28.46 1.04 -3.00
CA PHE A 127 -27.36 1.64 -3.74
C PHE A 127 -26.59 0.56 -4.49
N ASN A 128 -25.97 0.96 -5.61
CA ASN A 128 -25.17 0.02 -6.39
C ASN A 128 -23.77 -0.15 -5.83
N SER A 129 -23.33 0.74 -4.95
CA SER A 129 -21.98 0.68 -4.42
C SER A 129 -21.91 1.49 -3.14
N LEU A 130 -20.88 1.22 -2.35
CA LEU A 130 -20.68 2.07 -1.19
C LEU A 130 -20.45 3.51 -1.60
N ASN A 131 -19.87 3.72 -2.78
CA ASN A 131 -19.67 5.09 -3.27
C ASN A 131 -21.00 5.82 -3.42
N GLU A 132 -21.98 5.17 -4.08
CA GLU A 132 -23.32 5.78 -4.21
C GLU A 132 -23.97 5.97 -2.86
N LEU A 133 -23.78 5.01 -1.95
CA LEU A 133 -24.30 5.17 -0.60
C LEU A 133 -23.75 6.42 0.05
N VAL A 134 -22.42 6.57 0.01
CA VAL A 134 -21.77 7.73 0.59
C VAL A 134 -22.28 9.01 -0.05
N ASP A 135 -22.38 9.02 -1.38
CA ASP A 135 -22.74 10.28 -2.02
C ASP A 135 -24.19 10.66 -1.74
N TYR A 136 -25.09 9.69 -1.68
CA TYR A 136 -26.46 9.99 -1.28
C TYR A 136 -26.47 10.67 0.08
N HIS A 137 -25.68 10.16 1.02
CA HIS A 137 -25.81 10.60 2.39
C HIS A 137 -24.93 11.80 2.71
N ARG A 138 -24.31 12.39 1.69
CA ARG A 138 -23.68 13.69 1.83
C ARG A 138 -24.71 14.80 1.84
N SER A 139 -25.87 14.57 1.23
CA SER A 139 -26.95 15.56 1.16
C SER A 139 -28.29 15.07 1.72
N THR A 140 -28.45 13.79 2.03
CA THR A 140 -29.59 13.32 2.80
C THR A 140 -29.09 12.76 4.12
N SER A 141 -29.75 13.14 5.21
CA SER A 141 -29.26 12.77 6.54
C SER A 141 -29.13 11.26 6.67
N VAL A 142 -28.17 10.84 7.48
CA VAL A 142 -27.85 9.44 7.69
C VAL A 142 -28.55 8.97 8.95
N SER A 143 -29.36 9.85 9.51
CA SER A 143 -30.13 9.59 10.71
C SER A 143 -31.45 10.33 10.58
N ARG A 144 -32.46 9.82 11.25
CA ARG A 144 -33.79 10.42 11.22
C ARG A 144 -34.17 11.12 12.51
N ASN A 145 -33.34 11.03 13.56
CA ASN A 145 -33.54 11.86 14.75
C ASN A 145 -33.08 13.29 14.50
N GLN A 146 -32.00 13.46 13.75
CA GLN A 146 -31.31 14.73 13.60
C GLN A 146 -30.76 14.80 12.18
N GLN A 147 -30.15 15.94 11.86
CA GLN A 147 -29.68 16.21 10.51
C GLN A 147 -28.16 16.05 10.51
N ILE A 148 -27.68 14.90 10.03
CA ILE A 148 -26.27 14.55 9.95
C ILE A 148 -25.92 14.26 8.50
N PHE A 149 -24.90 14.92 7.97
CA PHE A 149 -24.50 14.70 6.58
C PHE A 149 -23.03 14.29 6.50
N LEU A 150 -22.75 13.30 5.65
CA LEU A 150 -21.40 12.76 5.58
C LEU A 150 -20.42 13.79 5.01
N ARG A 151 -19.26 13.89 5.67
CA ARG A 151 -18.17 14.81 5.36
C ARG A 151 -16.86 14.03 5.44
N ASP A 152 -16.01 14.12 4.42
CA ASP A 152 -14.69 13.49 4.49
C ASP A 152 -13.92 13.98 5.72
N ILE A 153 -13.18 13.07 6.37
CA ILE A 153 -12.33 13.47 7.49
C ILE A 153 -11.14 14.30 7.03
N GLU A 154 -10.46 14.92 8.01
CA GLU A 154 -9.13 15.51 7.88
C GLU A 154 -8.15 14.55 7.22
N GLN A 155 -7.75 14.83 5.99
CA GLN A 155 -6.88 13.94 5.23
C GLN A 155 -5.42 14.10 5.67
N VAL A 156 -4.70 12.98 5.71
CA VAL A 156 -3.34 12.90 6.25
C VAL A 156 -2.40 12.24 5.24
N PRO A 157 -1.23 12.81 4.95
CA PRO A 157 -0.29 12.14 4.04
C PRO A 157 0.23 10.83 4.64
N GLN A 158 0.44 9.81 3.82
CA GLN A 158 0.91 8.50 4.27
C GLN A 158 2.31 8.19 3.75
N GLN A 159 2.88 7.08 4.23
CA GLN A 159 4.13 6.60 3.65
C GLN A 159 3.91 6.30 2.17
N PRO A 160 4.95 6.45 1.33
CA PRO A 160 4.75 6.26 -0.11
C PRO A 160 4.42 4.82 -0.49
N THR A 161 3.74 4.67 -1.62
CA THR A 161 3.49 3.38 -2.26
C THR A 161 4.46 3.17 -3.42
N TYR A 162 4.95 1.95 -3.56
CA TYR A 162 5.94 1.64 -4.57
C TYR A 162 5.44 0.50 -5.45
N VAL A 163 5.90 0.51 -6.70
CA VAL A 163 5.83 -0.65 -7.58
C VAL A 163 7.25 -0.98 -8.01
N GLN A 164 7.41 -2.15 -8.63
CA GLN A 164 8.71 -2.61 -9.10
C GLN A 164 8.62 -3.03 -10.57
N ALA A 165 9.61 -2.59 -11.35
CA ALA A 165 9.61 -2.83 -12.78
C ALA A 165 9.83 -4.30 -13.11
N LEU A 166 8.93 -4.86 -13.91
CA LEU A 166 9.11 -6.20 -14.45
C LEU A 166 9.98 -6.24 -15.69
N PHE A 167 10.10 -5.11 -16.40
CA PHE A 167 10.87 -5.05 -17.65
C PHE A 167 11.51 -3.67 -17.74
N ASP A 168 12.52 -3.56 -18.61
CA ASP A 168 13.05 -2.25 -18.97
C ASP A 168 11.98 -1.45 -19.68
N PHE A 169 11.94 -0.14 -19.43
CA PHE A 169 11.06 0.78 -20.17
C PHE A 169 11.88 1.95 -20.72
N ASP A 170 11.82 2.12 -22.04
CA ASP A 170 12.56 3.15 -22.75
C ASP A 170 11.61 4.23 -23.22
N PRO A 171 11.66 5.44 -22.66
CA PRO A 171 10.65 6.46 -23.01
C PRO A 171 10.81 6.97 -24.43
N GLN A 172 9.68 7.20 -25.09
CA GLN A 172 9.71 7.88 -26.39
C GLN A 172 9.45 9.37 -26.27
N GLU A 173 8.57 9.79 -25.36
CA GLU A 173 8.29 11.19 -25.14
C GLU A 173 8.96 11.69 -23.87
N ASP A 174 8.98 13.02 -23.75
CA ASP A 174 9.70 13.67 -22.67
C ASP A 174 9.05 13.39 -21.32
N GLY A 175 7.71 13.38 -21.29
CA GLY A 175 6.99 13.21 -20.05
C GLY A 175 6.79 11.77 -19.62
N GLU A 176 7.59 10.85 -20.17
CA GLU A 176 7.53 9.46 -19.79
C GLU A 176 8.72 9.12 -18.89
N LEU A 177 8.52 8.10 -18.05
CA LEU A 177 9.48 7.74 -17.02
C LEU A 177 10.30 6.52 -17.44
N GLY A 178 11.62 6.68 -17.51
CA GLY A 178 12.51 5.57 -17.85
C GLY A 178 12.91 4.77 -16.62
N PHE A 179 13.03 3.46 -16.81
CA PHE A 179 13.53 2.61 -15.73
C PHE A 179 14.04 1.31 -16.33
N ARG A 180 14.78 0.56 -15.51
CA ARG A 180 15.29 -0.77 -15.84
C ARG A 180 14.50 -1.82 -15.08
N ARG A 181 14.50 -3.04 -15.62
CA ARG A 181 13.90 -4.16 -14.91
C ARG A 181 14.44 -4.25 -13.48
N GLY A 182 13.53 -4.32 -12.51
CA GLY A 182 13.92 -4.43 -11.12
C GLY A 182 13.91 -3.12 -10.34
N ASP A 183 13.83 -1.98 -11.02
CA ASP A 183 13.84 -0.70 -10.32
C ASP A 183 12.58 -0.52 -9.48
N PHE A 184 12.77 0.03 -8.28
CA PHE A 184 11.65 0.42 -7.44
C PHE A 184 11.15 1.81 -7.84
N ILE A 185 9.86 1.92 -8.10
CA ILE A 185 9.28 3.15 -8.63
C ILE A 185 8.31 3.68 -7.58
N HIS A 186 8.52 4.93 -7.17
CA HIS A 186 7.61 5.64 -6.27
C HIS A 186 6.36 6.04 -7.05
N VAL A 187 5.20 5.57 -6.65
CA VAL A 187 3.98 5.81 -7.41
C VAL A 187 3.31 7.11 -6.98
N MET A 188 3.03 7.99 -7.95
CA MET A 188 2.37 9.25 -7.66
C MET A 188 0.89 9.26 -8.07
N ASP A 189 0.52 8.55 -9.13
CA ASP A 189 -0.88 8.50 -9.58
C ASP A 189 -1.13 7.15 -10.23
N ASN A 190 -2.11 6.41 -9.69
CA ASN A 190 -2.46 5.08 -10.21
C ASN A 190 -3.96 4.99 -10.52
N SER A 191 -4.62 6.11 -10.77
CA SER A 191 -6.05 6.13 -11.00
C SER A 191 -6.43 5.81 -12.44
N ASP A 192 -5.47 5.87 -13.36
CA ASP A 192 -5.77 5.44 -14.71
C ASP A 192 -5.43 3.95 -14.88
N PRO A 193 -6.26 3.17 -15.57
CA PRO A 193 -5.98 1.71 -15.69
C PRO A 193 -4.69 1.37 -16.42
N ASN A 194 -4.26 2.17 -17.39
CA ASN A 194 -3.19 1.79 -18.31
C ASN A 194 -1.87 2.54 -18.11
N TRP A 195 -1.91 3.84 -17.79
CA TRP A 195 -0.71 4.65 -17.66
C TRP A 195 -0.69 5.28 -16.27
N TRP A 196 0.38 5.02 -15.52
CA TRP A 196 0.57 5.50 -14.16
C TRP A 196 1.65 6.56 -14.13
N LYS A 197 1.60 7.42 -13.12
CA LYS A 197 2.60 8.48 -12.94
C LYS A 197 3.49 8.11 -11.75
N GLY A 198 4.80 8.25 -11.92
CA GLY A 198 5.74 7.79 -10.90
C GLY A 198 7.06 8.54 -10.83
N ALA A 199 8.00 8.02 -10.03
CA ALA A 199 9.31 8.65 -9.87
C ALA A 199 10.36 7.58 -9.57
N CYS A 200 11.51 7.70 -10.25
CA CYS A 200 12.71 6.94 -9.94
C CYS A 200 13.92 7.59 -10.62
N HIS A 201 15.09 7.36 -10.03
CA HIS A 201 16.36 7.94 -10.48
C HIS A 201 16.31 9.46 -10.58
N GLY A 202 15.44 10.10 -9.80
CA GLY A 202 15.30 11.54 -9.82
C GLY A 202 14.47 12.11 -10.96
N GLN A 203 13.73 11.28 -11.69
CA GLN A 203 12.84 11.70 -12.77
C GLN A 203 11.39 11.41 -12.39
N THR A 204 10.46 12.13 -13.02
CA THR A 204 9.03 11.81 -12.94
C THR A 204 8.43 11.71 -14.34
N GLY A 205 7.42 10.87 -14.48
CA GLY A 205 6.72 10.75 -15.75
C GLY A 205 5.74 9.61 -15.74
N MET A 206 5.11 9.41 -16.91
CA MET A 206 4.15 8.34 -17.07
CA MET A 206 4.14 8.35 -17.18
C MET A 206 4.84 7.04 -17.53
N PHE A 207 4.19 5.92 -17.22
CA PHE A 207 4.68 4.61 -17.61
C PHE A 207 3.50 3.64 -17.64
N PRO A 208 3.60 2.55 -18.41
CA PRO A 208 2.48 1.60 -18.49
C PRO A 208 2.43 0.71 -17.25
N ARG A 209 1.22 0.55 -16.70
CA ARG A 209 1.03 -0.34 -15.56
C ARG A 209 1.50 -1.76 -15.87
N ASN A 210 1.40 -2.18 -17.15
CA ASN A 210 1.85 -3.50 -17.58
C ASN A 210 3.31 -3.77 -17.28
N TYR A 211 4.13 -2.74 -17.10
CA TYR A 211 5.56 -2.95 -16.95
C TYR A 211 6.00 -3.20 -15.52
N VAL A 212 5.07 -3.13 -14.55
CA VAL A 212 5.45 -3.09 -13.14
C VAL A 212 4.61 -4.08 -12.35
N THR A 213 5.07 -4.39 -11.15
CA THR A 213 4.37 -5.27 -10.22
C THR A 213 4.38 -4.60 -8.84
N PRO A 214 3.41 -4.92 -7.96
CA PRO A 214 3.31 -4.19 -6.69
C PRO A 214 4.47 -4.52 -5.75
N VAL A 215 4.79 -3.56 -4.90
CA VAL A 215 5.63 -3.74 -3.73
C VAL A 215 4.76 -3.55 -2.51
N ASN A 216 4.59 -4.60 -1.70
CA ASN A 216 3.59 -4.58 -0.65
C ASN A 216 4.07 -3.82 0.57
N ARG A 217 3.16 -3.07 1.17
CA ARG A 217 3.49 -2.16 2.24
C ARG A 217 4.08 -2.89 3.44
N ASN A 218 5.02 -2.20 4.10
CA ASN A 218 5.66 -2.71 5.31
C ASN A 218 6.01 -1.65 6.34
N VAL A 219 5.53 -0.40 6.25
CA VAL A 219 5.91 0.60 7.29
C VAL A 219 4.99 1.81 7.35
N SER B 2 -0.44 -21.38 -5.95
CA SER B 2 0.32 -21.33 -4.69
C SER B 2 0.84 -19.92 -4.34
N MET B 3 1.06 -19.66 -3.05
CA MET B 3 1.29 -18.31 -2.52
C MET B 3 1.93 -18.39 -1.14
N GLU B 4 2.62 -17.31 -0.77
CA GLU B 4 3.09 -17.12 0.60
C GLU B 4 2.31 -16.01 1.27
N ALA B 5 2.09 -16.16 2.58
CA ALA B 5 1.33 -15.20 3.36
C ALA B 5 2.02 -15.06 4.71
N ILE B 6 1.63 -14.04 5.46
CA ILE B 6 2.20 -13.80 6.78
C ILE B 6 1.11 -14.02 7.85
N ALA B 7 1.51 -14.65 8.96
CA ALA B 7 0.59 -14.94 10.05
C ALA B 7 0.32 -13.68 10.86
N LYS B 8 -0.97 -13.42 11.11
CA LYS B 8 -1.37 -12.29 11.95
C LYS B 8 -1.49 -12.64 13.42
N TYR B 9 -1.59 -13.92 13.78
CA TYR B 9 -1.76 -14.34 15.16
C TYR B 9 -1.00 -15.64 15.37
N ASP B 10 -0.77 -15.98 16.63
CA ASP B 10 -0.30 -17.32 16.95
C ASP B 10 -1.47 -18.29 16.76
N PHE B 11 -1.16 -19.46 16.24
CA PHE B 11 -2.17 -20.51 16.11
C PHE B 11 -1.62 -21.82 16.64
N LYS B 12 -2.23 -22.34 17.71
CA LYS B 12 -1.92 -23.70 18.17
C LYS B 12 -2.91 -24.65 17.50
N ALA B 13 -2.40 -25.67 16.82
CA ALA B 13 -3.25 -26.61 16.08
C ALA B 13 -4.28 -27.26 17.00
N THR B 14 -5.51 -27.41 16.50
CA THR B 14 -6.60 -27.98 17.30
C THR B 14 -6.82 -29.48 17.08
N ALA B 15 -6.47 -30.00 15.90
CA ALA B 15 -6.38 -31.43 15.64
C ALA B 15 -5.02 -31.69 14.99
N ASP B 16 -4.68 -32.96 14.77
CA ASP B 16 -3.32 -33.30 14.38
C ASP B 16 -3.02 -33.10 12.90
N ASP B 17 -4.04 -32.85 12.08
CA ASP B 17 -3.88 -32.53 10.66
C ASP B 17 -3.76 -31.03 10.38
N GLU B 18 -3.63 -30.22 11.43
CA GLU B 18 -3.53 -28.77 11.32
C GLU B 18 -2.12 -28.34 11.66
N LEU B 19 -1.77 -27.13 11.25
CA LEU B 19 -0.39 -26.67 11.30
C LEU B 19 -0.31 -25.50 12.27
N SER B 20 0.55 -25.64 13.28
CA SER B 20 0.75 -24.56 14.23
C SER B 20 1.71 -23.53 13.66
N PHE B 21 1.55 -22.27 14.07
CA PHE B 21 2.48 -21.22 13.71
C PHE B 21 2.38 -20.06 14.70
N LYS B 22 3.33 -19.14 14.59
CA LYS B 22 3.43 -17.94 15.42
C LYS B 22 3.18 -16.69 14.57
N ARG B 23 2.75 -15.62 15.23
CA ARG B 23 2.57 -14.34 14.55
C ARG B 23 3.83 -13.94 13.79
N GLY B 24 3.65 -13.41 12.59
CA GLY B 24 4.75 -12.96 11.76
C GLY B 24 5.48 -14.04 10.97
N ASP B 25 5.24 -15.33 11.24
CA ASP B 25 5.77 -16.40 10.41
C ASP B 25 5.30 -16.26 8.95
N ILE B 26 6.13 -16.72 8.00
CA ILE B 26 5.75 -16.76 6.59
C ILE B 26 5.37 -18.19 6.24
N LEU B 27 4.17 -18.35 5.70
CA LEU B 27 3.57 -19.65 5.42
C LEU B 27 3.43 -19.83 3.91
N LYS B 28 3.80 -21.02 3.41
CA LYS B 28 3.55 -21.40 2.02
C LYS B 28 2.16 -22.00 1.95
N VAL B 29 1.25 -21.27 1.39
CA VAL B 29 -0.13 -21.75 1.26
C VAL B 29 -0.25 -22.42 -0.10
N LEU B 30 -1.02 -23.50 -0.17
CA LEU B 30 -1.24 -24.22 -1.41
C LEU B 30 -2.59 -23.82 -2.01
N ASN B 31 -2.64 -23.74 -3.35
CA ASN B 31 -3.75 -23.15 -4.09
C ASN B 31 -5.11 -23.55 -3.53
N GLU B 32 -5.34 -24.86 -3.42
CA GLU B 32 -6.57 -25.44 -2.88
C GLU B 32 -6.94 -24.93 -1.49
N GLU B 33 -8.18 -25.21 -1.09
CA GLU B 33 -8.66 -24.98 0.27
C GLU B 33 -9.51 -26.19 0.62
N CYS B 34 -9.01 -27.04 1.53
CA CYS B 34 -9.73 -28.28 1.84
C CYS B 34 -11.04 -28.02 2.57
N ASP B 35 -11.20 -26.84 3.17
CA ASP B 35 -12.42 -26.43 3.86
C ASP B 35 -12.77 -25.01 3.42
N GLN B 36 -14.01 -24.60 3.67
CA GLN B 36 -14.43 -23.26 3.29
C GLN B 36 -13.63 -22.19 4.03
N ASN B 37 -13.16 -22.50 5.24
CA ASN B 37 -12.46 -21.54 6.06
C ASN B 37 -11.00 -21.91 6.27
N TRP B 38 -10.48 -22.88 5.52
CA TRP B 38 -9.14 -23.38 5.77
C TRP B 38 -8.36 -23.57 4.47
N TYR B 39 -7.06 -23.34 4.57
CA TYR B 39 -6.09 -23.67 3.53
C TYR B 39 -5.21 -24.82 4.03
N LYS B 40 -4.64 -25.57 3.09
CA LYS B 40 -3.50 -26.40 3.42
C LYS B 40 -2.25 -25.56 3.21
N ALA B 41 -1.27 -25.73 4.11
CA ALA B 41 -0.08 -24.90 4.07
C ALA B 41 1.09 -25.66 4.66
N GLU B 42 2.30 -25.14 4.41
CA GLU B 42 3.55 -25.73 4.85
C GLU B 42 4.37 -24.64 5.55
N LEU B 43 5.13 -25.05 6.56
CA LEU B 43 5.98 -24.11 7.30
C LEU B 43 7.11 -24.89 7.94
N ASN B 44 8.36 -24.50 7.63
CA ASN B 44 9.54 -24.97 8.33
C ASN B 44 9.54 -26.49 8.44
N GLY B 45 9.33 -27.15 7.30
CA GLY B 45 9.33 -28.59 7.26
C GLY B 45 8.09 -29.27 7.78
N LYS B 46 6.99 -28.56 8.03
CA LYS B 46 5.76 -29.18 8.51
C LYS B 46 4.59 -28.77 7.64
N ASP B 47 3.61 -29.67 7.51
CA ASP B 47 2.47 -29.48 6.63
C ASP B 47 1.17 -29.72 7.39
N GLY B 48 0.19 -28.86 7.17
CA GLY B 48 -1.13 -29.08 7.72
C GLY B 48 -2.07 -27.95 7.34
N PHE B 49 -3.32 -28.10 7.77
CA PHE B 49 -4.34 -27.09 7.51
C PHE B 49 -4.13 -25.86 8.41
N ILE B 50 -4.52 -24.70 7.88
CA ILE B 50 -4.52 -23.44 8.64
C ILE B 50 -5.82 -22.69 8.36
N PRO B 51 -6.23 -21.80 9.27
CA PRO B 51 -7.45 -21.02 9.04
C PRO B 51 -7.22 -19.83 8.12
N LYS B 52 -8.15 -19.62 7.18
CA LYS B 52 -8.05 -18.50 6.24
C LYS B 52 -7.84 -17.18 6.97
N ASN B 53 -8.64 -16.91 8.01
CA ASN B 53 -8.69 -15.59 8.63
C ASN B 53 -7.53 -15.29 9.59
N TYR B 54 -6.49 -16.13 9.62
CA TYR B 54 -5.32 -15.84 10.44
C TYR B 54 -4.13 -15.35 9.62
N ILE B 55 -4.30 -15.17 8.30
CA ILE B 55 -3.14 -14.78 7.51
C ILE B 55 -3.48 -13.52 6.72
N GLU B 56 -2.40 -12.88 6.26
CA GLU B 56 -2.42 -11.59 5.59
C GLU B 56 -1.45 -11.67 4.42
N MET B 57 -1.65 -10.79 3.44
CA MET B 57 -0.70 -10.71 2.34
C MET B 57 0.70 -10.36 2.84
N LYS B 58 1.69 -11.01 2.25
CA LYS B 58 3.10 -10.87 2.65
C LYS B 58 3.62 -9.47 2.38
N PRO B 59 4.18 -8.77 3.37
CA PRO B 59 4.83 -7.49 3.10
C PRO B 59 6.15 -7.70 2.35
N HIS B 60 6.60 -6.66 1.66
CA HIS B 60 7.92 -6.73 1.07
C HIS B 60 8.95 -6.94 2.18
N PRO B 61 9.87 -7.89 2.01
CA PRO B 61 10.75 -8.26 3.13
C PRO B 61 11.79 -7.20 3.49
N TRP B 62 12.29 -6.39 2.53
CA TRP B 62 13.42 -5.53 2.88
C TRP B 62 13.48 -4.18 2.19
N PHE B 63 12.60 -3.84 1.24
CA PHE B 63 12.61 -2.49 0.67
C PHE B 63 11.68 -1.62 1.51
N PHE B 64 12.25 -0.61 2.17
CA PHE B 64 11.45 0.16 3.14
C PHE B 64 11.27 1.62 2.77
N GLY B 65 11.32 1.95 1.49
CA GLY B 65 10.79 3.23 1.04
C GLY B 65 11.62 4.40 1.52
N LYS B 66 10.93 5.48 1.91
CA LYS B 66 11.58 6.75 2.17
C LYS B 66 11.85 6.99 3.66
N ILE B 67 11.95 5.93 4.46
CA ILE B 67 12.18 6.12 5.90
C ILE B 67 13.57 6.73 6.17
N PRO B 68 13.67 7.57 7.19
CA PRO B 68 14.94 8.26 7.48
C PRO B 68 15.97 7.32 8.08
N ARG B 69 17.25 7.71 7.94
CA ARG B 69 18.35 6.97 8.55
C ARG B 69 18.13 6.78 10.04
N ALA B 70 17.60 7.81 10.73
CA ALA B 70 17.29 7.68 12.15
C ALA B 70 16.31 6.54 12.41
N LYS B 71 15.16 6.52 11.70
CA LYS B 71 14.14 5.48 11.90
C LYS B 71 14.66 4.09 11.55
N ALA B 72 15.54 3.99 10.56
CA ALA B 72 16.08 2.68 10.21
C ALA B 72 16.94 2.13 11.34
N GLU B 73 17.80 2.97 11.92
CA GLU B 73 18.53 2.54 13.10
C GLU B 73 17.56 2.12 14.21
N GLU B 74 16.44 2.83 14.34
CA GLU B 74 15.42 2.48 15.33
C GLU B 74 14.92 1.04 15.16
N MET B 75 14.43 0.69 13.96
CA MET B 75 13.84 -0.64 13.82
C MET B 75 14.90 -1.74 13.74
N LEU B 76 16.11 -1.43 13.27
CA LEU B 76 17.13 -2.45 13.20
C LEU B 76 17.78 -2.71 14.56
N SER B 77 17.74 -1.75 15.47
CA SER B 77 18.26 -1.97 16.82
C SER B 77 17.49 -3.06 17.54
N LYS B 78 16.17 -3.14 17.31
CA LYS B 78 15.25 -4.07 17.95
C LYS B 78 15.35 -5.50 17.44
N GLN B 79 16.03 -5.75 16.31
CA GLN B 79 16.09 -7.09 15.74
C GLN B 79 17.07 -7.96 16.51
N ARG B 80 16.68 -9.22 16.73
CA ARG B 80 17.48 -10.12 17.55
C ARG B 80 18.71 -10.65 16.83
N HIS B 81 18.75 -10.61 15.49
CA HIS B 81 19.74 -11.34 14.71
C HIS B 81 20.68 -10.39 13.94
N ASP B 82 21.97 -10.71 13.98
CA ASP B 82 22.97 -9.96 13.21
C ASP B 82 22.74 -10.15 11.72
N GLY B 83 22.94 -9.08 10.96
CA GLY B 83 22.70 -9.11 9.53
C GLY B 83 21.32 -8.65 9.13
N ALA B 84 20.40 -8.49 10.09
CA ALA B 84 19.13 -7.84 9.84
C ALA B 84 19.37 -6.55 9.06
N PHE B 85 18.60 -6.36 8.00
CA PHE B 85 18.90 -5.26 7.10
C PHE B 85 17.65 -4.74 6.42
N LEU B 86 17.78 -3.53 5.87
CA LEU B 86 16.78 -2.97 4.98
C LEU B 86 17.47 -2.02 4.01
N ILE B 87 16.76 -1.69 2.94
CA ILE B 87 17.20 -0.70 1.98
C ILE B 87 16.16 0.41 1.96
N ARG B 88 16.63 1.65 1.88
CA ARG B 88 15.77 2.81 1.95
C ARG B 88 16.21 3.81 0.88
N GLU B 89 15.26 4.59 0.42
CA GLU B 89 15.52 5.72 -0.43
C GLU B 89 15.82 6.92 0.47
N SER B 90 16.75 7.76 0.06
CA SER B 90 16.88 9.07 0.69
C SER B 90 15.70 9.95 0.26
N GLU B 91 15.01 10.55 1.24
CA GLU B 91 14.03 11.58 0.89
C GLU B 91 14.72 12.90 0.55
N SER B 92 15.97 13.07 0.99
CA SER B 92 16.85 14.15 0.57
C SER B 92 17.13 14.05 -0.92
N ALA B 93 17.97 13.08 -1.33
CA ALA B 93 18.38 12.89 -2.72
C ALA B 93 17.51 11.82 -3.35
N PRO B 94 16.46 12.19 -4.11
CA PRO B 94 15.50 11.17 -4.56
C PRO B 94 16.12 10.24 -5.58
N GLY B 95 15.81 8.95 -5.46
CA GLY B 95 16.36 7.92 -6.29
C GLY B 95 17.65 7.30 -5.79
N ASP B 96 18.32 7.94 -4.83
CA ASP B 96 19.52 7.37 -4.22
C ASP B 96 19.12 6.42 -3.11
N PHE B 97 19.86 5.33 -2.96
CA PHE B 97 19.51 4.31 -1.98
C PHE B 97 20.63 4.12 -0.97
N SER B 98 20.25 3.59 0.20
CA SER B 98 21.19 3.27 1.25
C SER B 98 20.81 1.90 1.83
N LEU B 99 21.82 1.21 2.37
CA LEU B 99 21.65 -0.11 2.97
C LEU B 99 22.01 -0.02 4.45
N SER B 100 21.06 -0.33 5.32
CA SER B 100 21.30 -0.33 6.77
C SER B 100 21.25 -1.76 7.28
N VAL B 101 22.26 -2.14 8.06
CA VAL B 101 22.46 -3.50 8.57
C VAL B 101 22.79 -3.45 10.05
N LYS B 102 22.33 -4.45 10.80
CA LYS B 102 22.60 -4.57 12.23
C LYS B 102 23.68 -5.60 12.48
N PHE B 103 24.69 -5.23 13.28
CA PHE B 103 25.73 -6.14 13.75
C PHE B 103 26.17 -5.70 15.14
N GLY B 104 25.95 -6.56 16.13
CA GLY B 104 26.25 -6.16 17.50
C GLY B 104 25.28 -5.07 17.95
N ASN B 105 25.80 -4.14 18.76
CA ASN B 105 25.01 -3.05 19.35
C ASN B 105 25.10 -1.76 18.54
N ASP B 106 25.23 -1.83 17.22
CA ASP B 106 25.24 -0.65 16.35
C ASP B 106 24.48 -0.97 15.07
N VAL B 107 24.52 -0.02 14.12
CA VAL B 107 23.87 -0.17 12.82
C VAL B 107 24.75 0.53 11.78
N GLN B 108 25.17 -0.20 10.75
CA GLN B 108 26.04 0.32 9.70
C GLN B 108 25.21 0.78 8.50
N HIS B 109 25.68 1.83 7.85
CA HIS B 109 25.01 2.39 6.69
C HIS B 109 25.97 2.38 5.52
N PHE B 110 25.54 1.72 4.45
CA PHE B 110 26.27 1.70 3.19
C PHE B 110 25.50 2.53 2.19
N LYS B 111 26.21 3.22 1.31
CA LYS B 111 25.58 3.94 0.23
C LYS B 111 25.60 3.06 -1.01
N VAL B 112 24.44 2.90 -1.63
CA VAL B 112 24.36 2.15 -2.89
C VAL B 112 24.67 3.11 -4.03
N LEU B 113 25.65 2.76 -4.86
CA LEU B 113 26.06 3.58 -6.00
C LEU B 113 25.38 3.07 -7.28
N ARG B 114 25.21 3.99 -8.25
CA ARG B 114 24.58 3.65 -9.53
C ARG B 114 25.35 4.32 -10.66
N ASP B 115 26.03 3.51 -11.48
CA ASP B 115 27.00 4.00 -12.46
C ASP B 115 26.28 4.52 -13.71
N GLY B 116 27.07 4.83 -14.74
CA GLY B 116 26.54 5.37 -15.97
C GLY B 116 25.59 4.45 -16.70
N ALA B 117 25.67 3.14 -16.44
CA ALA B 117 24.83 2.16 -17.13
C ALA B 117 23.57 1.83 -16.35
N GLY B 118 23.36 2.44 -15.19
CA GLY B 118 22.26 2.04 -14.34
C GLY B 118 22.54 0.82 -13.50
N LYS B 119 23.81 0.48 -13.30
CA LYS B 119 24.19 -0.68 -12.50
C LYS B 119 24.45 -0.23 -11.06
N TYR B 120 23.98 -1.04 -10.12
CA TYR B 120 24.14 -0.76 -8.70
C TYR B 120 25.39 -1.45 -8.15
N PHE B 121 25.98 -0.86 -7.11
CA PHE B 121 27.12 -1.47 -6.45
C PHE B 121 27.38 -0.80 -5.11
N LEU B 122 28.09 -1.54 -4.26
CA LEU B 122 28.62 -1.08 -2.99
C LEU B 122 30.11 -0.87 -3.03
N TRP B 123 30.83 -1.78 -3.70
CA TRP B 123 32.29 -1.83 -3.68
C TRP B 123 32.81 -1.89 -5.11
N VAL B 124 32.93 -3.09 -5.67
CA VAL B 124 33.44 -3.27 -7.02
C VAL B 124 32.44 -4.02 -7.90
N VAL B 125 31.94 -5.16 -7.42
CA VAL B 125 31.01 -5.96 -8.22
C VAL B 125 29.75 -5.15 -8.49
N LYS B 126 29.32 -5.13 -9.75
CA LYS B 126 28.17 -4.35 -10.19
C LYS B 126 27.01 -5.28 -10.49
N PHE B 127 25.84 -4.94 -9.97
CA PHE B 127 24.65 -5.77 -10.10
C PHE B 127 23.60 -5.09 -10.98
N ASN B 128 22.80 -5.92 -11.66
CA ASN B 128 21.76 -5.40 -12.54
C ASN B 128 20.64 -4.72 -11.75
N SER B 129 20.40 -5.16 -10.51
CA SER B 129 19.28 -4.67 -9.71
C SER B 129 19.63 -4.76 -8.22
N LEU B 130 18.81 -4.10 -7.39
CA LEU B 130 18.98 -4.19 -5.94
C LEU B 130 18.69 -5.60 -5.44
N ASN B 131 17.78 -6.33 -6.08
CA ASN B 131 17.58 -7.72 -5.69
C ASN B 131 18.85 -8.53 -5.88
N GLU B 132 19.60 -8.28 -6.96
CA GLU B 132 20.82 -9.05 -7.19
C GLU B 132 21.89 -8.69 -6.16
N LEU B 133 21.95 -7.42 -5.75
CA LEU B 133 22.83 -7.01 -4.68
C LEU B 133 22.51 -7.73 -3.38
N VAL B 134 21.23 -7.69 -2.96
CA VAL B 134 20.83 -8.29 -1.69
C VAL B 134 21.14 -9.79 -1.69
N ASP B 135 20.83 -10.47 -2.79
CA ASP B 135 21.00 -11.91 -2.80
C ASP B 135 22.46 -12.28 -2.88
N TYR B 136 23.28 -11.48 -3.57
CA TYR B 136 24.72 -11.66 -3.50
C TYR B 136 25.19 -11.65 -2.06
N HIS B 137 24.79 -10.63 -1.31
CA HIS B 137 25.27 -10.43 0.04
C HIS B 137 24.51 -11.22 1.08
N ARG B 138 23.60 -12.11 0.66
CA ARG B 138 23.17 -13.18 1.54
C ARG B 138 24.26 -14.22 1.75
N SER B 139 25.31 -14.20 0.93
CA SER B 139 26.36 -15.21 1.04
C SER B 139 27.76 -14.66 0.77
N THR B 140 27.92 -13.35 0.58
CA THR B 140 29.23 -12.68 0.63
C THR B 140 29.07 -11.42 1.44
N SER B 141 30.00 -11.17 2.36
CA SER B 141 29.79 -10.12 3.34
C SER B 141 29.73 -8.74 2.69
N VAL B 142 28.88 -7.88 3.27
CA VAL B 142 28.81 -6.49 2.85
C VAL B 142 29.94 -5.65 3.42
N SER B 143 30.52 -6.10 4.52
CA SER B 143 31.56 -5.35 5.20
C SER B 143 32.92 -5.87 4.80
N ARG B 144 33.90 -4.98 4.77
CA ARG B 144 35.27 -5.34 4.43
C ARG B 144 36.13 -5.66 5.63
N ASN B 145 35.56 -5.56 6.84
CA ASN B 145 36.27 -5.89 8.07
C ASN B 145 35.79 -7.17 8.73
N GLN B 146 34.49 -7.44 8.70
CA GLN B 146 33.92 -8.60 9.38
C GLN B 146 32.80 -9.19 8.56
N GLN B 147 32.48 -10.46 8.82
CA GLN B 147 31.47 -11.20 8.08
C GLN B 147 30.08 -10.71 8.47
N ILE B 148 29.46 -9.91 7.61
CA ILE B 148 28.09 -9.47 7.77
C ILE B 148 27.29 -10.06 6.62
N PHE B 149 26.43 -11.03 6.92
CA PHE B 149 25.56 -11.63 5.91
C PHE B 149 24.15 -11.11 6.12
N LEU B 150 23.52 -10.65 5.03
CA LEU B 150 22.21 -10.03 5.13
C LEU B 150 21.14 -11.08 5.43
N ARG B 151 20.27 -10.77 6.38
CA ARG B 151 19.19 -11.63 6.82
C ARG B 151 17.90 -10.81 6.89
N ASP B 152 16.81 -11.38 6.42
CA ASP B 152 15.54 -10.66 6.47
C ASP B 152 15.14 -10.39 7.90
N ILE B 153 14.69 -9.16 8.16
CA ILE B 153 14.22 -8.83 9.50
C ILE B 153 12.98 -9.64 9.83
N GLU B 154 12.75 -9.83 11.13
CA GLU B 154 11.48 -10.32 11.62
C GLU B 154 10.39 -9.48 11.01
N GLN B 155 9.37 -10.12 10.45
CA GLN B 155 8.31 -9.38 9.78
C GLN B 155 7.08 -9.32 10.67
N VAL B 156 6.37 -8.20 10.58
CA VAL B 156 5.12 -8.03 11.32
C VAL B 156 4.00 -7.85 10.30
N PRO B 157 2.83 -8.46 10.49
CA PRO B 157 1.75 -8.26 9.52
C PRO B 157 1.28 -6.81 9.50
N GLN B 158 0.92 -6.33 8.32
CA GLN B 158 0.47 -4.96 8.13
C GLN B 158 -1.05 -4.89 7.97
N GLN B 159 -1.58 -3.67 8.09
CA GLN B 159 -2.94 -3.33 7.69
C GLN B 159 -3.19 -3.89 6.29
N PRO B 160 -4.41 -4.34 6.00
CA PRO B 160 -4.65 -4.99 4.71
C PRO B 160 -4.63 -4.00 3.55
N THR B 161 -4.31 -4.54 2.38
CA THR B 161 -4.33 -3.84 1.10
C THR B 161 -5.59 -4.21 0.32
N TYR B 162 -6.24 -3.20 -0.26
CA TYR B 162 -7.52 -3.33 -0.95
C TYR B 162 -7.42 -2.86 -2.38
N VAL B 163 -8.27 -3.45 -3.24
CA VAL B 163 -8.55 -2.91 -4.56
C VAL B 163 -10.06 -2.73 -4.66
N GLN B 164 -10.48 -2.12 -5.78
CA GLN B 164 -11.87 -1.82 -6.02
C GLN B 164 -12.25 -2.25 -7.42
N ALA B 165 -13.37 -2.94 -7.55
CA ALA B 165 -13.78 -3.47 -8.84
C ALA B 165 -14.12 -2.34 -9.82
N LEU B 166 -13.57 -2.44 -11.01
CA LEU B 166 -13.98 -1.59 -12.13
C LEU B 166 -15.17 -2.17 -12.87
N PHE B 167 -15.33 -3.49 -12.89
CA PHE B 167 -16.38 -4.16 -13.64
C PHE B 167 -16.99 -5.27 -12.80
N ASP B 168 -18.25 -5.60 -13.09
CA ASP B 168 -18.84 -6.84 -12.61
C ASP B 168 -17.96 -8.00 -13.05
N PHE B 169 -17.84 -9.02 -12.20
CA PHE B 169 -17.10 -10.23 -12.59
C PHE B 169 -17.87 -11.48 -12.14
N ASP B 170 -18.60 -12.11 -13.06
CA ASP B 170 -19.23 -13.39 -12.78
C ASP B 170 -18.20 -14.50 -13.02
N PRO B 171 -17.89 -15.33 -12.04
CA PRO B 171 -16.87 -16.38 -12.25
C PRO B 171 -17.38 -17.52 -13.13
N GLN B 172 -16.63 -17.80 -14.19
CA GLN B 172 -16.86 -18.99 -14.99
C GLN B 172 -16.31 -20.24 -14.29
N GLU B 173 -15.00 -20.25 -14.03
CA GLU B 173 -14.30 -21.40 -13.46
C GLU B 173 -14.46 -21.47 -11.95
N ASP B 174 -14.18 -22.67 -11.41
CA ASP B 174 -14.24 -22.89 -9.98
C ASP B 174 -13.04 -22.23 -9.30
N GLY B 175 -13.26 -21.77 -8.06
CA GLY B 175 -12.18 -21.11 -7.34
C GLY B 175 -11.92 -19.68 -7.75
N GLU B 176 -12.74 -19.11 -8.62
CA GLU B 176 -12.67 -17.71 -8.97
C GLU B 176 -13.62 -16.90 -8.09
N LEU B 177 -13.21 -15.67 -7.79
CA LEU B 177 -13.93 -14.78 -6.88
C LEU B 177 -14.87 -13.86 -7.65
N GLY B 178 -16.14 -13.84 -7.26
CA GLY B 178 -17.12 -12.98 -7.90
C GLY B 178 -17.31 -11.65 -7.19
N PHE B 179 -17.60 -10.60 -7.96
CA PHE B 179 -17.86 -9.29 -7.37
C PHE B 179 -18.60 -8.41 -8.36
N ARG B 180 -19.03 -7.24 -7.86
CA ARG B 180 -19.75 -6.23 -8.63
C ARG B 180 -18.90 -4.98 -8.76
N ARG B 181 -19.12 -4.25 -9.86
CA ARG B 181 -18.47 -2.96 -10.04
C ARG B 181 -18.60 -2.14 -8.77
N GLY B 182 -17.50 -1.55 -8.32
CA GLY B 182 -17.52 -0.74 -7.12
C GLY B 182 -17.10 -1.46 -5.85
N ASP B 183 -17.10 -2.80 -5.86
CA ASP B 183 -16.82 -3.56 -4.64
C ASP B 183 -15.37 -3.41 -4.20
N PHE B 184 -15.18 -3.31 -2.89
CA PHE B 184 -13.84 -3.31 -2.30
C PHE B 184 -13.39 -4.74 -2.01
N ILE B 185 -12.19 -5.09 -2.46
CA ILE B 185 -11.68 -6.47 -2.42
C ILE B 185 -10.42 -6.49 -1.58
N HIS B 186 -10.42 -7.31 -0.53
CA HIS B 186 -9.21 -7.54 0.28
C HIS B 186 -8.25 -8.41 -0.53
N VAL B 187 -7.03 -7.92 -0.77
CA VAL B 187 -6.08 -8.64 -1.64
C VAL B 187 -5.19 -9.54 -0.78
N MET B 188 -5.17 -10.84 -1.10
CA MET B 188 -4.31 -11.79 -0.40
C MET B 188 -3.02 -12.09 -1.14
N ASP B 189 -3.01 -11.99 -2.47
CA ASP B 189 -1.81 -12.32 -3.23
C ASP B 189 -1.86 -11.57 -4.56
N ASN B 190 -0.85 -10.74 -4.80
CA ASN B 190 -0.70 -10.01 -6.05
C ASN B 190 0.64 -10.32 -6.71
N SER B 191 1.24 -11.47 -6.40
CA SER B 191 2.58 -11.77 -6.88
C SER B 191 2.61 -12.07 -8.37
N ASP B 192 1.49 -12.53 -8.92
CA ASP B 192 1.30 -12.88 -10.31
C ASP B 192 0.77 -11.68 -11.09
N PRO B 193 1.31 -11.39 -12.28
CA PRO B 193 0.89 -10.16 -12.99
C PRO B 193 -0.53 -10.17 -13.55
N ASN B 194 -1.19 -11.32 -13.64
CA ASN B 194 -2.50 -11.38 -14.30
C ASN B 194 -3.66 -11.78 -13.39
N TRP B 195 -3.43 -12.68 -12.42
CA TRP B 195 -4.49 -13.27 -11.60
C TRP B 195 -4.10 -13.15 -10.14
N TRP B 196 -4.94 -12.48 -9.35
CA TRP B 196 -4.67 -12.21 -7.96
C TRP B 196 -5.67 -12.99 -7.12
N LYS B 197 -5.29 -13.25 -5.86
CA LYS B 197 -6.19 -13.88 -4.92
C LYS B 197 -6.69 -12.84 -3.95
N GLY B 198 -8.01 -12.84 -3.72
CA GLY B 198 -8.62 -11.86 -2.84
C GLY B 198 -9.85 -12.36 -2.09
N ALA B 199 -10.55 -11.46 -1.39
CA ALA B 199 -11.72 -11.83 -0.60
C ALA B 199 -12.77 -10.72 -0.62
N CYS B 200 -14.05 -11.10 -0.72
CA CYS B 200 -15.16 -10.18 -0.55
C CYS B 200 -16.45 -10.97 -0.46
N HIS B 201 -17.44 -10.39 0.22
CA HIS B 201 -18.72 -11.04 0.48
C HIS B 201 -18.57 -12.42 1.13
N GLY B 202 -17.51 -12.63 1.90
CA GLY B 202 -17.36 -13.87 2.64
C GLY B 202 -16.71 -15.00 1.88
N GLN B 203 -16.23 -14.74 0.66
CA GLN B 203 -15.61 -15.71 -0.22
C GLN B 203 -14.15 -15.32 -0.47
N THR B 204 -13.35 -16.32 -0.87
CA THR B 204 -12.00 -16.09 -1.38
C THR B 204 -11.86 -16.72 -2.76
N GLY B 205 -10.94 -16.20 -3.57
CA GLY B 205 -10.71 -16.80 -4.87
C GLY B 205 -9.83 -15.92 -5.74
N MET B 206 -9.60 -16.44 -6.96
CA MET B 206 -8.78 -15.77 -7.99
C MET B 206 -9.62 -14.80 -8.80
N PHE B 207 -9.02 -13.67 -9.18
CA PHE B 207 -9.68 -12.73 -10.06
C PHE B 207 -8.63 -12.05 -10.93
N PRO B 208 -9.04 -11.45 -12.07
CA PRO B 208 -8.03 -10.81 -12.95
C PRO B 208 -7.74 -9.37 -12.56
N ARG B 209 -6.44 -9.01 -12.40
CA ARG B 209 -6.10 -7.70 -11.87
C ARG B 209 -6.63 -6.57 -12.75
N ASN B 210 -6.84 -6.81 -14.04
CA ASN B 210 -7.30 -5.73 -14.91
C ASN B 210 -8.82 -5.49 -14.78
N TYR B 211 -9.49 -6.16 -13.85
CA TYR B 211 -10.86 -5.83 -13.50
C TYR B 211 -10.95 -4.88 -12.29
N VAL B 212 -9.82 -4.50 -11.67
CA VAL B 212 -9.82 -3.74 -10.43
C VAL B 212 -8.80 -2.60 -10.55
N THR B 213 -8.94 -1.63 -9.64
CA THR B 213 -8.13 -0.41 -9.53
C THR B 213 -7.67 -0.26 -8.10
N PRO B 214 -6.49 0.36 -7.86
CA PRO B 214 -5.95 0.41 -6.48
C PRO B 214 -6.83 1.24 -5.57
N VAL B 215 -6.81 0.86 -4.28
CA VAL B 215 -7.34 1.67 -3.19
C VAL B 215 -6.15 2.13 -2.35
N ASN B 216 -5.87 3.42 -2.37
CA ASN B 216 -4.59 3.88 -1.80
C ASN B 216 -4.64 3.92 -0.28
N ARG B 217 -3.56 3.46 0.34
CA ARG B 217 -3.49 3.27 1.79
C ARG B 217 -3.79 4.57 2.53
N ASN B 218 -4.43 4.41 3.69
CA ASN B 218 -4.68 5.53 4.58
C ASN B 218 -4.53 5.24 6.07
N VAL B 219 -4.14 4.05 6.51
CA VAL B 219 -4.05 3.84 7.98
C VAL B 219 -2.91 2.92 8.43
N SER C 3 29.72 3.65 5.45
CA SER C 3 30.78 2.66 5.59
C SER C 3 31.52 2.34 4.29
N ASN C 4 31.26 3.08 3.22
CA ASN C 4 32.05 3.01 2.00
C ASN C 4 32.25 4.42 1.45
N LEU C 5 32.62 5.35 2.35
CA LEU C 5 32.63 6.81 2.13
C LEU C 5 31.96 7.29 0.83
#